data_7Q6Q
#
_entry.id   7Q6Q
#
_cell.length_a   75.729
_cell.length_b   75.880
_cell.length_c   204.774
_cell.angle_alpha   90.000
_cell.angle_beta   90.000
_cell.angle_gamma   90.000
#
_symmetry.space_group_name_H-M   'P 21 21 21'
#
loop_
_entity.id
_entity.type
_entity.pdbx_description
1 polymer 'Kelch-like ECH-associated protein 1'
2 non-polymer (5S,8R)-N,N-dimethyl-8-[[(2S)-1-[4-(methylamino)-4-oxidanylidene-butanoyl]pyrrolidin-2-yl]carbonylamino]-7,11-bis(oxidanylidene)-10-oxa-3-thia-6-azabicyclo[10.4.0]hexadeca-1(12),13,15-triene-5-carboxamide
3 non-polymer 'SODIUM ION'
4 non-polymer 'CHLORIDE ION'
5 water water
#
_entity_poly.entity_id   1
_entity_poly.type   'polypeptide(L)'
_entity_poly.pdbx_seq_one_letter_code
;PRGSAGAPKVGRLIYTAGGYFRQSLSYLEAYNPSDGTWLRLADLQVPRSGLAGCVVGGLLYAVGGRNNSPDGNTDSSALD
CYNPMTNQWSPCAPMSVPRNRIGVGVIDGHIYAVGGSHGCIHHNSVERYEPERDEWHLVAPMLTRRIGVGVAVLNRLLYA
VGGFDGTNRLNSAECYYPERNEWRMITAMNTIRSGAGVCVLHNCIYAAGGYDGQDQLNSVERYDVATATWTFVAPMKHRR
SALGITVHQGRIYVLGGYDGHTFLDSVECYDPDTDTWSEVTRMTSGRSGVGVAVT
;
_entity_poly.pdbx_strand_id   A,B
#
loop_
_chem_comp.id
_chem_comp.type
_chem_comp.name
_chem_comp.formula
8ZL non-polymer (5S,8R)-N,N-dimethyl-8-[[(2S)-1-[4-(methylamino)-4-oxidanylidene-butanoyl]pyrrolidin-2-yl]carbonylamino]-7,11-bis(oxidanylidene)-10-oxa-3-thia-6-azabicyclo[10.4.0]hexadeca-1(12),13,15-triene-5-carboxamide 'C26 H35 N5 O7 S'
CL non-polymer 'CHLORIDE ION' 'Cl -1'
NA non-polymer 'SODIUM ION' 'Na 1'
#
# COMPACT_ATOMS: atom_id res chain seq x y z
N GLY A 11 3.01 35.26 -14.02
CA GLY A 11 3.11 34.65 -12.71
C GLY A 11 2.96 33.14 -12.71
N ARG A 12 4.09 32.42 -12.52
CA ARG A 12 4.14 30.96 -12.49
C ARG A 12 3.87 30.42 -11.06
N LEU A 13 3.29 29.22 -10.96
CA LEU A 13 2.99 28.57 -9.68
C LEU A 13 3.70 27.22 -9.53
N ILE A 14 3.92 26.79 -8.27
CA ILE A 14 4.52 25.51 -7.92
C ILE A 14 3.33 24.55 -7.61
N TYR A 15 3.10 23.55 -8.49
CA TYR A 15 2.05 22.56 -8.38
C TYR A 15 2.53 21.34 -7.64
N THR A 16 1.79 20.91 -6.61
CA THR A 16 2.06 19.68 -5.88
C THR A 16 0.88 18.74 -6.08
N ALA A 17 1.13 17.53 -6.60
CA ALA A 17 0.11 16.55 -6.91
C ALA A 17 0.37 15.24 -6.21
N GLY A 18 -0.67 14.71 -5.58
CA GLY A 18 -0.60 13.44 -4.86
C GLY A 18 0.20 13.51 -3.57
N GLY A 19 0.85 12.40 -3.25
CA GLY A 19 1.61 12.27 -2.03
C GLY A 19 1.07 11.17 -1.13
N TYR A 20 1.58 11.08 0.09
CA TYR A 20 1.25 10.05 1.06
C TYR A 20 1.22 10.58 2.46
N PHE A 21 0.17 10.22 3.19
CA PHE A 21 -0.03 10.47 4.58
C PHE A 21 -1.04 9.47 5.06
N ARG A 22 -0.57 8.38 5.70
CA ARG A 22 -1.38 7.26 6.17
C ARG A 22 -1.91 6.40 4.98
N GLN A 23 -2.11 7.01 3.80
CA GLN A 23 -2.50 6.36 2.54
C GLN A 23 -2.15 7.33 1.44
N SER A 24 -2.15 6.89 0.17
CA SER A 24 -1.91 7.75 -0.98
C SER A 24 -3.01 8.85 -1.07
N LEU A 25 -2.61 10.07 -1.48
CA LEU A 25 -3.49 11.26 -1.55
C LEU A 25 -3.86 11.65 -2.98
N SER A 26 -4.96 12.47 -3.13
CA SER A 26 -5.50 12.97 -4.39
C SER A 26 -5.28 14.49 -4.56
N TYR A 27 -4.73 15.18 -3.53
CA TYR A 27 -4.50 16.63 -3.58
C TYR A 27 -3.70 17.13 -4.77
N LEU A 28 -4.20 18.23 -5.36
CA LEU A 28 -3.52 19.03 -6.35
C LEU A 28 -3.68 20.42 -5.76
N GLU A 29 -2.55 21.07 -5.43
CA GLU A 29 -2.50 22.41 -4.83
C GLU A 29 -1.35 23.18 -5.48
N ALA A 30 -1.52 24.49 -5.66
CA ALA A 30 -0.52 25.35 -6.28
C ALA A 30 -0.08 26.47 -5.33
N TYR A 31 1.23 26.67 -5.21
CA TYR A 31 1.77 27.71 -4.35
C TYR A 31 2.27 28.84 -5.19
N ASN A 32 1.91 30.06 -4.79
CA ASN A 32 2.36 31.29 -5.45
C ASN A 32 3.52 31.85 -4.62
N PRO A 33 4.79 31.75 -5.07
CA PRO A 33 5.89 32.25 -4.21
C PRO A 33 5.88 33.76 -4.00
N SER A 34 5.15 34.52 -4.86
CA SER A 34 5.05 35.97 -4.76
C SER A 34 4.12 36.45 -3.66
N ASP A 35 2.90 35.86 -3.52
CA ASP A 35 1.99 36.32 -2.48
C ASP A 35 1.82 35.31 -1.33
N GLY A 36 2.60 34.23 -1.37
CA GLY A 36 2.61 33.16 -0.37
C GLY A 36 1.32 32.37 -0.20
N THR A 37 0.41 32.42 -1.18
CA THR A 37 -0.89 31.74 -1.12
C THR A 37 -0.87 30.35 -1.76
N TRP A 38 -1.76 29.46 -1.26
CA TRP A 38 -1.97 28.10 -1.76
C TRP A 38 -3.36 28.02 -2.38
N LEU A 39 -3.50 27.34 -3.52
CA LEU A 39 -4.76 27.19 -4.24
C LEU A 39 -5.19 25.73 -4.15
N ARG A 40 -6.47 25.44 -3.81
CA ARG A 40 -6.92 24.03 -3.81
C ARG A 40 -7.55 23.79 -5.17
N LEU A 41 -6.87 22.98 -5.97
CA LEU A 41 -7.32 22.68 -7.33
C LEU A 41 -8.01 21.31 -7.39
N ALA A 42 -8.50 20.93 -8.58
CA ALA A 42 -9.22 19.69 -8.79
C ALA A 42 -8.35 18.49 -8.43
N ASP A 43 -8.86 17.64 -7.53
CA ASP A 43 -8.23 16.41 -7.05
C ASP A 43 -7.91 15.49 -8.21
N LEU A 44 -6.83 14.70 -8.06
CA LEU A 44 -6.46 13.67 -9.00
C LEU A 44 -7.64 12.67 -9.06
N GLN A 45 -7.93 12.08 -10.23
CA GLN A 45 -8.99 11.08 -10.34
C GLN A 45 -8.70 9.83 -9.50
N VAL A 46 -7.43 9.38 -9.41
CA VAL A 46 -6.98 8.22 -8.58
C VAL A 46 -5.89 8.71 -7.59
N PRO A 47 -5.95 8.41 -6.26
CA PRO A 47 -4.89 8.85 -5.34
C PRO A 47 -3.57 8.25 -5.70
N ARG A 48 -2.48 8.97 -5.54
CA ARG A 48 -1.16 8.42 -5.92
C ARG A 48 -0.04 9.04 -5.10
N SER A 49 0.96 8.20 -4.79
CA SER A 49 2.18 8.59 -4.11
C SER A 49 3.30 7.94 -4.91
N GLY A 50 4.49 8.53 -4.88
CA GLY A 50 5.61 7.97 -5.63
C GLY A 50 5.55 8.23 -7.11
N LEU A 51 4.72 9.20 -7.49
CA LEU A 51 4.50 9.67 -8.86
C LEU A 51 5.50 10.82 -9.10
N ALA A 52 5.55 11.32 -10.34
CA ALA A 52 6.36 12.46 -10.69
C ALA A 52 5.48 13.39 -11.52
N GLY A 53 5.73 14.70 -11.41
CA GLY A 53 5.03 15.72 -12.18
C GLY A 53 5.96 16.40 -13.16
N CYS A 54 5.41 16.96 -14.22
CA CYS A 54 6.16 17.72 -15.23
C CYS A 54 5.22 18.58 -16.04
N VAL A 55 5.76 19.55 -16.77
CA VAL A 55 4.94 20.47 -17.57
C VAL A 55 5.35 20.45 -19.02
N VAL A 56 4.40 20.24 -19.92
CA VAL A 56 4.64 20.31 -21.36
C VAL A 56 3.56 21.22 -21.96
N GLY A 57 4.01 22.37 -22.45
CA GLY A 57 3.14 23.32 -23.11
C GLY A 57 1.98 23.79 -22.30
N GLY A 58 2.28 24.27 -21.11
CA GLY A 58 1.27 24.80 -20.20
C GLY A 58 0.38 23.79 -19.49
N LEU A 59 0.52 22.48 -19.79
CA LEU A 59 -0.25 21.43 -19.13
C LEU A 59 0.63 20.67 -18.16
N LEU A 60 0.06 20.34 -17.00
CA LEU A 60 0.74 19.60 -15.93
C LEU A 60 0.42 18.12 -16.10
N TYR A 61 1.42 17.25 -15.97
CA TYR A 61 1.22 15.79 -16.11
C TYR A 61 1.59 15.09 -14.82
N ALA A 62 0.79 14.08 -14.40
CA ALA A 62 1.10 13.24 -13.24
C ALA A 62 1.40 11.87 -13.80
N VAL A 63 2.62 11.39 -13.56
CA VAL A 63 3.12 10.13 -14.14
C VAL A 63 3.38 9.09 -13.08
N GLY A 64 2.89 7.87 -13.31
CA GLY A 64 3.10 6.69 -12.48
C GLY A 64 2.69 6.87 -11.05
N GLY A 65 3.33 6.13 -10.15
CA GLY A 65 3.03 6.17 -8.72
C GLY A 65 2.38 4.88 -8.28
N ARG A 66 1.79 4.90 -7.09
CA ARG A 66 1.10 3.73 -6.55
C ARG A 66 0.06 4.24 -5.64
N ASN A 67 -1.10 3.58 -5.63
CA ASN A 67 -2.20 3.95 -4.72
C ASN A 67 -2.15 2.99 -3.56
N ASN A 68 -1.75 3.50 -2.38
CA ASN A 68 -1.74 2.73 -1.15
C ASN A 68 -3.00 3.13 -0.41
N SER A 69 -3.80 2.16 -0.03
CA SER A 69 -5.02 2.34 0.75
C SER A 69 -4.98 1.26 1.83
N PRO A 70 -5.63 1.48 3.02
CA PRO A 70 -5.61 0.47 4.08
C PRO A 70 -6.22 -0.88 3.71
N ASP A 71 -6.85 -1.01 2.53
CA ASP A 71 -7.42 -2.30 2.17
C ASP A 71 -6.73 -3.01 0.95
N GLY A 72 -5.79 -2.33 0.31
CA GLY A 72 -5.05 -2.85 -0.83
C GLY A 72 -4.21 -1.79 -1.50
N ASN A 73 -3.14 -2.21 -2.18
CA ASN A 73 -2.22 -1.31 -2.89
C ASN A 73 -2.17 -1.61 -4.38
N THR A 74 -2.04 -0.57 -5.22
CA THR A 74 -2.02 -0.73 -6.68
C THR A 74 -0.99 0.19 -7.38
N ASP A 75 0.11 -0.40 -7.91
CA ASP A 75 1.10 0.34 -8.71
C ASP A 75 0.34 0.86 -9.97
N SER A 76 0.67 2.10 -10.44
CA SER A 76 0.03 2.80 -11.54
C SER A 76 0.97 2.95 -12.74
N SER A 77 0.41 2.83 -13.95
CA SER A 77 1.02 3.02 -15.26
C SER A 77 0.33 4.24 -15.94
N ALA A 78 -0.48 4.98 -15.17
CA ALA A 78 -1.25 6.10 -15.67
C ALA A 78 -0.44 7.36 -15.98
N LEU A 79 -0.95 8.10 -16.97
CA LEU A 79 -0.48 9.42 -17.35
C LEU A 79 -1.73 10.22 -17.39
N ASP A 80 -1.78 11.24 -16.57
CA ASP A 80 -2.95 12.10 -16.45
C ASP A 80 -2.53 13.51 -16.66
N CYS A 81 -3.39 14.28 -17.27
CA CYS A 81 -3.06 15.63 -17.66
C CYS A 81 -4.02 16.67 -17.11
N TYR A 82 -3.51 17.67 -16.37
CA TYR A 82 -4.27 18.79 -15.78
C TYR A 82 -4.04 20.08 -16.54
N ASN A 83 -5.14 20.74 -16.93
CA ASN A 83 -5.12 22.03 -17.64
C ASN A 83 -5.49 23.14 -16.65
N PRO A 84 -4.55 24.04 -16.27
CA PRO A 84 -4.89 25.10 -15.29
C PRO A 84 -6.00 26.02 -15.71
N MET A 85 -6.19 26.19 -17.03
CA MET A 85 -7.23 27.04 -17.61
C MET A 85 -8.63 26.50 -17.38
N THR A 86 -8.78 25.15 -17.32
CA THR A 86 -10.07 24.49 -17.18
C THR A 86 -10.30 23.89 -15.82
N ASN A 87 -9.23 23.63 -15.08
CA ASN A 87 -9.25 22.99 -13.75
C ASN A 87 -9.76 21.55 -13.87
N GLN A 88 -9.33 20.86 -14.94
CA GLN A 88 -9.76 19.51 -15.25
C GLN A 88 -8.64 18.55 -15.64
N TRP A 89 -8.64 17.36 -14.99
CA TRP A 89 -7.74 16.25 -15.24
C TRP A 89 -8.34 15.40 -16.37
N SER A 90 -7.52 15.05 -17.36
CA SER A 90 -7.91 14.23 -18.49
C SER A 90 -6.95 13.05 -18.52
N PRO A 91 -7.44 11.80 -18.64
CA PRO A 91 -6.52 10.66 -18.76
C PRO A 91 -5.82 10.67 -20.12
N CYS A 92 -4.57 10.22 -20.13
CA CYS A 92 -3.76 10.08 -21.35
C CYS A 92 -3.42 8.60 -21.50
N ALA A 93 -2.74 8.26 -22.58
CA ALA A 93 -2.28 6.89 -22.85
C ALA A 93 -1.42 6.40 -21.68
N PRO A 94 -1.67 5.18 -21.14
CA PRO A 94 -0.80 4.65 -20.07
C PRO A 94 0.57 4.15 -20.57
N MET A 95 1.50 4.02 -19.63
CA MET A 95 2.85 3.53 -19.89
C MET A 95 2.79 2.05 -20.13
N SER A 96 3.86 1.48 -20.63
CA SER A 96 3.93 0.05 -20.93
C SER A 96 3.82 -0.81 -19.64
N VAL A 97 4.27 -0.25 -18.49
CA VAL A 97 4.32 -0.95 -17.22
C VAL A 97 4.04 0.01 -16.07
N PRO A 98 3.55 -0.47 -14.91
CA PRO A 98 3.37 0.43 -13.76
C PRO A 98 4.73 0.86 -13.20
N ARG A 99 4.86 2.15 -12.81
CA ARG A 99 6.13 2.62 -12.27
C ARG A 99 5.93 3.41 -10.98
N ASN A 100 6.15 2.79 -9.81
CA ASN A 100 6.04 3.51 -8.52
C ASN A 100 7.44 4.00 -8.22
N ARG A 101 7.61 5.13 -7.50
CA ARG A 101 8.92 5.71 -7.20
C ARG A 101 9.67 6.01 -8.50
N ILE A 102 8.96 6.67 -9.45
CA ILE A 102 9.39 7.04 -10.81
C ILE A 102 10.20 8.34 -10.83
N GLY A 103 10.95 8.53 -11.91
CA GLY A 103 11.71 9.71 -12.26
C GLY A 103 11.26 10.18 -13.62
N VAL A 104 11.13 11.48 -13.84
CA VAL A 104 10.60 12.04 -15.10
C VAL A 104 11.46 13.21 -15.61
N GLY A 105 11.63 13.29 -16.92
CA GLY A 105 12.35 14.37 -17.54
C GLY A 105 11.71 14.74 -18.85
N VAL A 106 11.77 16.02 -19.23
CA VAL A 106 11.18 16.49 -20.48
C VAL A 106 12.25 17.02 -21.38
N ILE A 107 12.32 16.53 -22.65
CA ILE A 107 13.25 17.03 -23.69
C ILE A 107 12.42 17.26 -24.96
N ASP A 108 12.41 18.50 -25.49
CA ASP A 108 11.65 18.87 -26.69
C ASP A 108 10.16 18.50 -26.58
N GLY A 109 9.57 18.81 -25.44
CA GLY A 109 8.16 18.55 -25.20
C GLY A 109 7.76 17.10 -25.19
N HIS A 110 8.72 16.17 -24.93
CA HIS A 110 8.55 14.72 -24.81
C HIS A 110 8.83 14.31 -23.38
N ILE A 111 7.96 13.50 -22.78
CA ILE A 111 8.10 13.02 -21.39
C ILE A 111 8.84 11.68 -21.33
N TYR A 112 9.91 11.64 -20.54
CA TYR A 112 10.67 10.41 -20.34
C TYR A 112 10.32 9.91 -18.96
N ALA A 113 9.75 8.68 -18.90
CA ALA A 113 9.38 7.95 -17.67
C ALA A 113 10.56 6.98 -17.39
N VAL A 114 11.30 7.22 -16.30
CA VAL A 114 12.53 6.52 -15.93
C VAL A 114 12.34 5.56 -14.74
N GLY A 115 12.69 4.29 -14.95
CA GLY A 115 12.68 3.24 -13.94
C GLY A 115 11.39 3.07 -13.16
N GLY A 116 11.54 2.97 -11.83
CA GLY A 116 10.45 2.74 -10.90
C GLY A 116 10.19 1.27 -10.66
N SER A 117 9.27 0.94 -9.75
CA SER A 117 8.94 -0.46 -9.45
C SER A 117 7.53 -0.88 -9.87
N HIS A 118 7.32 -2.19 -9.99
CA HIS A 118 6.03 -2.83 -10.24
C HIS A 118 6.07 -4.11 -9.41
N GLY A 119 5.58 -4.01 -8.17
CA GLY A 119 5.63 -5.12 -7.23
C GLY A 119 7.04 -5.62 -6.97
N CYS A 120 7.37 -6.78 -7.50
CA CYS A 120 8.69 -7.33 -7.25
C CYS A 120 9.74 -6.79 -8.22
N ILE A 121 9.32 -6.37 -9.41
CA ILE A 121 10.19 -5.86 -10.47
C ILE A 121 10.71 -4.44 -10.16
N HIS A 122 12.03 -4.21 -10.41
CA HIS A 122 12.71 -2.91 -10.31
C HIS A 122 13.16 -2.63 -11.74
N HIS A 123 12.49 -1.70 -12.39
CA HIS A 123 12.74 -1.35 -13.78
C HIS A 123 14.07 -0.70 -14.05
N ASN A 124 14.67 -1.05 -15.18
CA ASN A 124 15.80 -0.34 -15.73
C ASN A 124 15.29 0.27 -17.06
N SER A 125 14.07 -0.11 -17.49
CA SER A 125 13.41 0.37 -18.71
C SER A 125 13.04 1.82 -18.61
N VAL A 126 13.10 2.48 -19.77
CA VAL A 126 12.78 3.89 -19.93
C VAL A 126 11.85 3.99 -21.12
N GLU A 127 10.87 4.89 -21.05
CA GLU A 127 9.96 5.11 -22.17
C GLU A 127 9.64 6.57 -22.34
N ARG A 128 9.29 6.97 -23.58
CA ARG A 128 9.04 8.35 -23.98
C ARG A 128 7.62 8.60 -24.50
N TYR A 129 6.95 9.63 -23.94
CA TYR A 129 5.61 10.05 -24.35
C TYR A 129 5.70 11.23 -25.30
N GLU A 130 4.95 11.16 -26.43
CA GLU A 130 4.79 12.21 -27.45
C GLU A 130 3.36 12.78 -27.27
N PRO A 131 3.19 13.94 -26.54
CA PRO A 131 1.86 14.53 -26.36
C PRO A 131 1.06 14.78 -27.64
N GLU A 132 1.75 15.06 -28.74
CA GLU A 132 1.14 15.34 -30.02
C GLU A 132 0.48 14.10 -30.65
N ARG A 133 0.88 12.88 -30.25
CA ARG A 133 0.39 11.62 -30.79
C ARG A 133 -0.35 10.77 -29.74
N ASP A 134 -0.25 11.15 -28.45
CA ASP A 134 -0.76 10.41 -27.27
C ASP A 134 -0.25 8.94 -27.33
N GLU A 135 1.09 8.80 -27.38
CA GLU A 135 1.76 7.51 -27.54
C GLU A 135 3.00 7.45 -26.72
N TRP A 136 3.26 6.27 -26.16
CA TRP A 136 4.46 5.95 -25.42
C TRP A 136 5.27 4.97 -26.28
N HIS A 137 6.59 5.10 -26.24
CA HIS A 137 7.48 4.18 -26.93
C HIS A 137 8.68 3.94 -26.02
N LEU A 138 9.14 2.69 -25.90
CA LEU A 138 10.30 2.37 -25.10
C LEU A 138 11.52 2.87 -25.85
N VAL A 139 12.52 3.36 -25.10
CA VAL A 139 13.81 3.81 -25.60
C VAL A 139 14.87 2.88 -24.97
N ALA A 140 16.19 3.11 -25.19
CA ALA A 140 17.21 2.22 -24.61
C ALA A 140 17.09 2.18 -23.07
N PRO A 141 17.14 0.97 -22.46
CA PRO A 141 17.06 0.89 -20.99
C PRO A 141 18.34 1.39 -20.34
N MET A 142 18.25 1.74 -19.08
CA MET A 142 19.39 2.17 -18.28
C MET A 142 20.34 1.00 -18.06
N LEU A 143 21.57 1.31 -17.65
CA LEU A 143 22.60 0.32 -17.32
C LEU A 143 22.27 -0.35 -15.98
N THR A 144 21.54 0.38 -15.09
CA THR A 144 21.17 -0.05 -13.77
C THR A 144 19.66 0.04 -13.57
N ARG A 145 19.07 -0.91 -12.80
CA ARG A 145 17.68 -0.89 -12.40
C ARG A 145 17.61 0.22 -11.35
N ARG A 146 16.68 1.17 -11.46
CA ARG A 146 16.60 2.28 -10.47
C ARG A 146 15.16 2.64 -10.12
N ILE A 147 14.80 2.49 -8.83
CA ILE A 147 13.50 2.94 -8.29
C ILE A 147 13.88 4.09 -7.32
N GLY A 148 13.02 5.05 -7.10
CA GLY A 148 13.35 6.18 -6.22
C GLY A 148 14.49 6.99 -6.82
N VAL A 149 14.48 7.06 -8.15
CA VAL A 149 15.49 7.72 -8.99
C VAL A 149 15.14 9.17 -9.23
N GLY A 150 16.18 9.99 -9.22
CA GLY A 150 16.05 11.40 -9.52
C GLY A 150 16.44 11.58 -10.97
N VAL A 151 15.69 12.41 -11.71
CA VAL A 151 15.98 12.61 -13.13
C VAL A 151 16.16 14.08 -13.35
N ALA A 152 17.14 14.46 -14.17
CA ALA A 152 17.36 15.85 -14.50
C ALA A 152 17.74 15.98 -15.96
N VAL A 153 17.23 17.02 -16.64
CA VAL A 153 17.57 17.29 -18.04
C VAL A 153 18.56 18.43 -18.07
N LEU A 154 19.74 18.18 -18.59
CA LEU A 154 20.80 19.19 -18.70
C LEU A 154 21.53 18.94 -20.02
N ASN A 155 21.75 20.02 -20.79
CA ASN A 155 22.42 19.98 -22.09
C ASN A 155 21.78 18.99 -23.05
N ARG A 156 20.44 18.91 -23.01
CA ARG A 156 19.63 18.03 -23.84
C ARG A 156 19.97 16.54 -23.62
N LEU A 157 20.49 16.24 -22.42
CA LEU A 157 20.81 14.89 -21.96
C LEU A 157 19.92 14.59 -20.77
N LEU A 158 19.57 13.33 -20.58
CA LEU A 158 18.69 12.89 -19.48
C LEU A 158 19.52 12.16 -18.44
N TYR A 159 19.71 12.76 -17.27
CA TYR A 159 20.51 12.16 -16.20
C TYR A 159 19.64 11.37 -15.19
N ALA A 160 19.95 10.06 -14.95
CA ALA A 160 19.30 9.21 -13.95
C ALA A 160 20.29 9.15 -12.78
N VAL A 161 19.85 9.67 -11.61
CA VAL A 161 20.69 9.86 -10.44
C VAL A 161 20.21 9.07 -9.22
N GLY A 162 21.09 8.19 -8.74
CA GLY A 162 20.84 7.39 -7.57
C GLY A 162 19.70 6.41 -7.74
N GLY A 163 19.03 6.12 -6.63
CA GLY A 163 17.92 5.18 -6.56
C GLY A 163 18.24 3.91 -5.81
N PHE A 164 17.55 2.84 -6.15
CA PHE A 164 17.63 1.54 -5.51
C PHE A 164 17.39 0.46 -6.58
N ASP A 165 18.31 -0.52 -6.71
CA ASP A 165 18.25 -1.55 -7.75
C ASP A 165 17.65 -2.89 -7.29
N GLY A 166 16.92 -2.87 -6.18
CA GLY A 166 16.30 -4.06 -5.60
C GLY A 166 17.14 -4.73 -4.54
N THR A 167 18.45 -4.40 -4.50
CA THR A 167 19.42 -4.95 -3.55
C THR A 167 20.16 -3.84 -2.80
N ASN A 168 20.61 -2.80 -3.52
CA ASN A 168 21.36 -1.72 -2.89
C ASN A 168 20.85 -0.33 -3.23
N ARG A 169 20.95 0.60 -2.25
CA ARG A 169 20.69 2.03 -2.41
C ARG A 169 21.96 2.50 -3.20
N LEU A 170 21.77 3.26 -4.28
CA LEU A 170 22.83 3.64 -5.20
C LEU A 170 23.30 5.05 -5.04
N ASN A 171 24.62 5.26 -5.23
CA ASN A 171 25.24 6.60 -5.26
C ASN A 171 25.66 6.89 -6.71
N SER A 172 25.49 5.90 -7.60
CA SER A 172 25.82 5.96 -9.01
C SER A 172 24.83 6.84 -9.78
N ALA A 173 25.27 7.34 -10.93
CA ALA A 173 24.44 8.16 -11.82
C ALA A 173 24.84 7.88 -13.25
N GLU A 174 23.88 7.91 -14.15
CA GLU A 174 24.11 7.65 -15.56
C GLU A 174 23.38 8.67 -16.43
N CYS A 175 23.71 8.67 -17.68
CA CYS A 175 23.36 9.69 -18.63
C CYS A 175 22.83 9.13 -19.95
N TYR A 176 21.73 9.69 -20.45
CA TYR A 176 21.10 9.28 -21.70
C TYR A 176 21.25 10.34 -22.79
N TYR A 177 21.66 9.88 -23.99
CA TYR A 177 21.92 10.64 -25.20
C TYR A 177 20.78 10.35 -26.19
N PRO A 178 19.72 11.22 -26.22
CA PRO A 178 18.56 10.95 -27.08
C PRO A 178 18.85 10.71 -28.57
N GLU A 179 19.81 11.43 -29.14
CA GLU A 179 20.20 11.28 -30.56
C GLU A 179 20.83 9.94 -30.85
N ARG A 180 21.62 9.45 -29.89
CA ARG A 180 22.38 8.22 -30.02
C ARG A 180 21.66 7.00 -29.44
N ASN A 181 20.59 7.22 -28.66
CA ASN A 181 19.80 6.22 -27.94
C ASN A 181 20.71 5.35 -27.08
N GLU A 182 21.45 5.97 -26.18
CA GLU A 182 22.38 5.22 -25.33
C GLU A 182 22.67 5.88 -24.01
N TRP A 183 22.99 5.01 -23.03
CA TRP A 183 23.30 5.39 -21.66
C TRP A 183 24.76 5.18 -21.39
N ARG A 184 25.35 6.13 -20.64
CA ARG A 184 26.75 6.09 -20.23
C ARG A 184 26.80 6.43 -18.73
N MET A 185 27.62 5.71 -17.94
CA MET A 185 27.77 6.01 -16.51
C MET A 185 28.51 7.35 -16.40
N ILE A 186 28.11 8.22 -15.49
CA ILE A 186 28.83 9.49 -15.21
C ILE A 186 29.48 9.32 -13.80
N THR A 187 30.17 10.38 -13.27
CA THR A 187 30.75 10.35 -11.92
C THR A 187 29.63 10.07 -10.86
N ALA A 188 29.88 9.11 -9.95
CA ALA A 188 28.97 8.77 -8.87
C ALA A 188 29.01 9.87 -7.80
N MET A 189 27.86 10.05 -7.09
CA MET A 189 27.69 11.03 -6.01
C MET A 189 28.59 10.67 -4.83
N ASN A 190 28.81 11.64 -3.94
CA ASN A 190 29.58 11.39 -2.74
C ASN A 190 28.73 10.59 -1.75
N THR A 191 27.38 10.74 -1.81
CA THR A 191 26.42 10.08 -0.92
C THR A 191 25.48 9.13 -1.68
N ILE A 192 25.14 7.98 -1.06
CA ILE A 192 24.15 7.01 -1.57
C ILE A 192 22.78 7.67 -1.30
N ARG A 193 21.98 7.85 -2.34
CA ARG A 193 20.65 8.47 -2.19
C ARG A 193 19.57 7.77 -3.00
N SER A 194 18.53 7.34 -2.32
CA SER A 194 17.31 6.81 -2.91
C SER A 194 16.24 7.78 -2.36
N GLY A 195 15.38 8.33 -3.23
CA GLY A 195 14.33 9.22 -2.77
C GLY A 195 14.76 10.65 -2.53
N ALA A 196 15.77 11.09 -3.28
CA ALA A 196 16.33 12.43 -3.29
C ALA A 196 15.48 13.32 -4.20
N GLY A 197 15.64 14.62 -4.05
CA GLY A 197 15.07 15.61 -4.95
C GLY A 197 16.18 15.99 -5.91
N VAL A 198 16.00 15.70 -7.20
CA VAL A 198 17.02 16.02 -8.21
C VAL A 198 16.45 17.08 -9.16
N CYS A 199 17.24 18.12 -9.46
CA CYS A 199 16.84 19.21 -10.34
C CYS A 199 18.06 19.89 -10.98
N VAL A 200 17.83 20.77 -11.96
CA VAL A 200 18.90 21.54 -12.63
C VAL A 200 18.71 23.03 -12.28
N LEU A 201 19.78 23.68 -11.82
CA LEU A 201 19.77 25.11 -11.56
C LEU A 201 21.14 25.66 -12.00
N HIS A 202 21.13 26.68 -12.89
CA HIS A 202 22.33 27.32 -13.43
C HIS A 202 23.38 26.29 -13.92
N ASN A 203 22.97 25.40 -14.87
CA ASN A 203 23.83 24.39 -15.54
C ASN A 203 24.52 23.38 -14.56
N CYS A 204 23.84 23.09 -13.44
CA CYS A 204 24.30 22.17 -12.39
C CYS A 204 23.17 21.25 -12.00
N ILE A 205 23.48 19.98 -11.73
CA ILE A 205 22.49 19.01 -11.24
C ILE A 205 22.58 19.02 -9.72
N TYR A 206 21.46 19.28 -9.03
CA TYR A 206 21.44 19.27 -7.57
C TYR A 206 20.73 18.03 -7.12
N ALA A 207 21.32 17.28 -6.17
CA ALA A 207 20.70 16.12 -5.53
C ALA A 207 20.55 16.49 -4.03
N ALA A 208 19.31 16.69 -3.56
CA ALA A 208 19.02 17.11 -2.19
C ALA A 208 18.27 16.02 -1.46
N GLY A 209 18.67 15.75 -0.22
CA GLY A 209 18.02 14.76 0.61
C GLY A 209 18.16 13.34 0.12
N GLY A 210 17.21 12.51 0.52
CA GLY A 210 17.20 11.09 0.15
C GLY A 210 17.33 10.16 1.33
N TYR A 211 17.74 8.93 1.05
CA TYR A 211 17.95 7.87 2.04
C TYR A 211 19.21 7.09 1.67
N ASP A 212 20.18 6.98 2.59
CA ASP A 212 21.43 6.24 2.36
C ASP A 212 21.34 4.76 2.76
N GLY A 213 20.12 4.32 3.10
CA GLY A 213 19.84 2.97 3.56
C GLY A 213 19.87 2.86 5.08
N GLN A 214 20.39 3.91 5.75
CA GLN A 214 20.50 4.00 7.20
C GLN A 214 19.60 5.15 7.67
N ASP A 215 19.94 6.39 7.26
CA ASP A 215 19.23 7.63 7.61
C ASP A 215 18.67 8.39 6.44
N GLN A 216 17.65 9.22 6.74
CA GLN A 216 17.11 10.21 5.82
C GLN A 216 18.16 11.33 5.87
N LEU A 217 18.46 11.92 4.72
CA LEU A 217 19.53 12.90 4.58
C LEU A 217 19.06 14.33 4.51
N ASN A 218 19.94 15.25 4.91
CA ASN A 218 19.69 16.67 4.79
C ASN A 218 20.76 17.32 3.91
N SER A 219 21.81 16.54 3.57
CA SER A 219 22.90 17.02 2.70
C SER A 219 22.42 17.21 1.27
N VAL A 220 23.02 18.20 0.60
CA VAL A 220 22.73 18.59 -0.77
C VAL A 220 24.08 18.65 -1.48
N GLU A 221 24.18 18.04 -2.67
CA GLU A 221 25.39 18.08 -3.46
C GLU A 221 25.07 18.44 -4.91
N ARG A 222 26.02 19.08 -5.64
CA ARG A 222 25.77 19.45 -7.02
C ARG A 222 26.86 18.97 -7.99
N TYR A 223 26.42 18.55 -9.18
CA TYR A 223 27.27 18.06 -10.26
C TYR A 223 27.61 19.17 -11.22
N ASP A 224 28.91 19.46 -11.37
CA ASP A 224 29.40 20.44 -12.31
C ASP A 224 29.96 19.67 -13.50
N VAL A 225 29.22 19.69 -14.60
CA VAL A 225 29.48 19.04 -15.89
C VAL A 225 30.90 19.34 -16.39
N ALA A 226 31.35 20.62 -16.31
CA ALA A 226 32.69 21.04 -16.78
C ALA A 226 33.84 20.22 -16.16
N THR A 227 33.85 20.10 -14.82
CA THR A 227 34.84 19.38 -14.01
C THR A 227 34.42 17.93 -13.65
N ALA A 228 33.20 17.48 -14.06
CA ALA A 228 32.65 16.16 -13.78
C ALA A 228 32.80 15.72 -12.30
N THR A 229 32.52 16.65 -11.36
CA THR A 229 32.62 16.40 -9.93
C THR A 229 31.36 16.83 -9.18
N TRP A 230 31.02 16.08 -8.14
CA TRP A 230 29.92 16.34 -7.22
C TRP A 230 30.53 17.07 -6.00
N THR A 231 29.93 18.19 -5.60
CA THR A 231 30.39 19.00 -4.48
C THR A 231 29.23 19.29 -3.53
N PHE A 232 29.45 19.16 -2.21
CA PHE A 232 28.42 19.46 -1.23
C PHE A 232 28.24 20.97 -1.12
N VAL A 233 26.99 21.37 -0.96
CA VAL A 233 26.55 22.75 -0.73
C VAL A 233 25.82 22.74 0.64
N ALA A 234 25.32 23.90 1.10
CA ALA A 234 24.61 24.00 2.37
C ALA A 234 23.51 22.92 2.51
N PRO A 235 23.45 22.19 3.66
CA PRO A 235 22.38 21.18 3.85
C PRO A 235 21.05 21.85 4.16
N MET A 236 19.96 21.13 4.02
CA MET A 236 18.65 21.70 4.36
C MET A 236 18.49 21.72 5.88
N LYS A 237 17.48 22.45 6.38
CA LYS A 237 17.24 22.49 7.82
C LYS A 237 16.62 21.15 8.26
N HIS A 238 15.85 20.47 7.36
CA HIS A 238 15.22 19.18 7.67
C HIS A 238 15.67 18.03 6.81
N ARG A 239 15.97 16.89 7.47
CA ARG A 239 16.31 15.62 6.84
C ARG A 239 15.03 15.18 6.11
N ARG A 240 15.13 14.79 4.83
CA ARG A 240 13.94 14.40 4.07
C ARG A 240 14.25 13.50 2.90
N SER A 241 13.43 12.44 2.76
CA SER A 241 13.43 11.48 1.63
C SER A 241 12.01 11.58 1.05
N ALA A 242 11.80 11.12 -0.20
CA ALA A 242 10.50 11.21 -0.87
C ALA A 242 9.98 12.66 -0.82
N LEU A 243 10.91 13.61 -1.04
CA LEU A 243 10.64 15.04 -1.10
C LEU A 243 10.35 15.37 -2.56
N GLY A 244 9.59 16.45 -2.76
CA GLY A 244 9.24 17.02 -4.05
C GLY A 244 10.22 18.14 -4.26
N ILE A 245 10.62 18.40 -5.51
CA ILE A 245 11.58 19.46 -5.84
C ILE A 245 11.23 20.15 -7.16
N THR A 246 11.55 21.45 -7.24
CA THR A 246 11.41 22.27 -8.42
C THR A 246 12.29 23.53 -8.33
N VAL A 247 12.51 24.17 -9.47
CA VAL A 247 13.25 25.43 -9.58
C VAL A 247 12.25 26.49 -10.05
N HIS A 248 12.26 27.64 -9.40
CA HIS A 248 11.39 28.75 -9.68
C HIS A 248 12.18 30.03 -9.44
N GLN A 249 12.27 30.87 -10.48
CA GLN A 249 12.96 32.16 -10.46
C GLN A 249 14.32 32.06 -9.78
N GLY A 250 15.19 31.22 -10.35
CA GLY A 250 16.57 31.00 -9.92
C GLY A 250 16.81 30.42 -8.54
N ARG A 251 15.78 29.86 -7.88
CA ARG A 251 15.87 29.24 -6.58
C ARG A 251 15.28 27.82 -6.57
N ILE A 252 15.84 26.90 -5.77
CA ILE A 252 15.32 25.53 -5.61
C ILE A 252 14.30 25.54 -4.47
N TYR A 253 13.16 24.90 -4.66
CA TYR A 253 12.12 24.72 -3.64
C TYR A 253 12.00 23.20 -3.38
N VAL A 254 12.08 22.77 -2.10
CA VAL A 254 11.91 21.37 -1.67
C VAL A 254 10.63 21.31 -0.88
N LEU A 255 9.72 20.38 -1.23
CA LEU A 255 8.38 20.29 -0.61
C LEU A 255 8.15 18.96 0.10
N GLY A 256 7.91 19.06 1.40
CA GLY A 256 7.57 17.91 2.24
C GLY A 256 8.61 16.83 2.27
N GLY A 257 8.14 15.61 2.49
CA GLY A 257 8.99 14.44 2.58
C GLY A 257 8.77 13.68 3.86
N TYR A 258 9.64 12.73 4.13
CA TYR A 258 9.62 11.88 5.30
C TYR A 258 10.97 11.98 6.00
N ASP A 259 10.99 12.18 7.32
CA ASP A 259 12.24 12.35 8.08
C ASP A 259 12.58 11.16 9.02
N GLY A 260 11.86 10.06 8.90
CA GLY A 260 12.07 8.88 9.74
C GLY A 260 10.93 8.58 10.67
N HIS A 261 10.08 9.55 10.97
CA HIS A 261 8.89 9.33 11.80
C HIS A 261 7.72 10.19 11.35
N THR A 262 8.03 11.45 10.92
CA THR A 262 7.07 12.49 10.51
C THR A 262 7.01 12.72 8.99
N PHE A 263 5.81 13.08 8.50
CA PHE A 263 5.59 13.45 7.11
C PHE A 263 5.53 14.97 7.17
N LEU A 264 6.58 15.61 6.61
CA LEU A 264 6.81 17.06 6.66
C LEU A 264 5.88 17.90 5.84
N ASP A 265 5.52 19.08 6.38
CA ASP A 265 4.73 20.09 5.67
C ASP A 265 5.67 21.21 5.25
N SER A 266 6.91 21.14 5.75
CA SER A 266 8.01 22.05 5.50
C SER A 266 8.31 22.24 4.00
N VAL A 267 8.41 23.51 3.58
CA VAL A 267 8.79 23.92 2.23
C VAL A 267 10.00 24.80 2.41
N GLU A 268 11.16 24.41 1.83
CA GLU A 268 12.41 25.16 1.94
C GLU A 268 12.86 25.69 0.62
N CYS A 269 13.54 26.82 0.65
CA CYS A 269 14.07 27.51 -0.52
C CYS A 269 15.62 27.67 -0.47
N TYR A 270 16.32 27.31 -1.57
CA TYR A 270 17.78 27.46 -1.68
C TYR A 270 18.13 28.64 -2.60
N ASP A 271 18.97 29.60 -2.11
CA ASP A 271 19.47 30.75 -2.87
C ASP A 271 20.91 30.42 -3.30
N PRO A 272 21.14 30.17 -4.60
CA PRO A 272 22.48 29.77 -5.05
C PRO A 272 23.57 30.83 -4.81
N ASP A 273 23.18 32.12 -4.90
CA ASP A 273 24.03 33.30 -4.70
C ASP A 273 24.55 33.42 -3.28
N THR A 274 23.74 33.04 -2.28
CA THR A 274 24.12 33.14 -0.86
C THR A 274 24.40 31.78 -0.19
N ASP A 275 24.15 30.64 -0.91
CA ASP A 275 24.32 29.26 -0.41
C ASP A 275 23.64 29.08 0.97
N THR A 276 22.35 29.46 1.02
CA THR A 276 21.54 29.38 2.23
C THR A 276 20.19 28.80 1.85
N TRP A 277 19.58 28.10 2.82
CA TRP A 277 18.28 27.48 2.76
C TRP A 277 17.39 28.21 3.77
N SER A 278 16.14 28.49 3.41
CA SER A 278 15.21 29.15 4.34
C SER A 278 13.82 28.57 4.20
N GLU A 279 13.07 28.52 5.32
CA GLU A 279 11.70 28.01 5.30
C GLU A 279 10.82 29.06 4.67
N VAL A 280 10.13 28.72 3.57
CA VAL A 280 9.31 29.69 2.83
C VAL A 280 7.85 29.63 3.20
N THR A 281 7.31 28.44 3.38
CA THR A 281 5.91 28.23 3.69
C THR A 281 5.75 26.82 4.24
N ARG A 282 4.51 26.44 4.50
CA ARG A 282 4.15 25.11 4.97
C ARG A 282 3.08 24.67 3.98
N MET A 283 3.06 23.39 3.59
CA MET A 283 1.98 22.89 2.74
C MET A 283 0.75 22.83 3.64
N THR A 284 -0.45 22.75 3.07
CA THR A 284 -1.68 22.71 3.87
C THR A 284 -1.73 21.52 4.85
N SER A 285 -0.92 20.46 4.57
CA SER A 285 -0.75 19.25 5.38
C SER A 285 0.52 18.53 4.97
N GLY A 286 1.15 17.86 5.94
CA GLY A 286 2.34 17.07 5.73
C GLY A 286 2.04 15.85 4.86
N ARG A 287 2.99 15.56 3.95
CA ARG A 287 2.91 14.45 3.00
C ARG A 287 4.27 14.17 2.42
N SER A 288 4.49 12.93 1.94
CA SER A 288 5.69 12.52 1.23
C SER A 288 5.32 11.97 -0.16
N GLY A 289 6.28 11.81 -1.04
CA GLY A 289 6.08 11.23 -2.36
C GLY A 289 5.16 11.95 -3.30
N VAL A 290 5.20 13.30 -3.26
CA VAL A 290 4.46 14.20 -4.14
C VAL A 290 5.16 14.28 -5.52
N GLY A 291 4.41 14.79 -6.51
CA GLY A 291 4.88 15.11 -7.86
C GLY A 291 4.84 16.63 -8.00
N VAL A 292 5.95 17.28 -8.40
CA VAL A 292 6.01 18.77 -8.44
C VAL A 292 6.41 19.32 -9.81
N ALA A 293 5.84 20.46 -10.23
CA ALA A 293 6.14 21.16 -11.49
C ALA A 293 5.74 22.59 -11.36
N VAL A 294 6.31 23.45 -12.22
CA VAL A 294 6.04 24.91 -12.30
C VAL A 294 5.49 25.26 -13.67
N THR A 295 4.36 26.03 -13.72
CA THR A 295 3.73 26.55 -14.93
C THR A 295 2.91 27.80 -14.57
N GLY B 11 -21.50 -20.26 28.31
CA GLY B 11 -21.40 -18.89 27.84
C GLY B 11 -20.14 -18.55 27.05
N ARG B 12 -20.25 -18.55 25.71
CA ARG B 12 -19.15 -18.28 24.79
C ARG B 12 -19.05 -16.76 24.51
N LEU B 13 -17.82 -16.29 24.20
CA LEU B 13 -17.54 -14.88 23.87
C LEU B 13 -16.94 -14.71 22.49
N ILE B 14 -17.15 -13.52 21.89
CA ILE B 14 -16.58 -13.14 20.60
C ILE B 14 -15.28 -12.35 20.89
N TYR B 15 -14.11 -12.91 20.59
CA TYR B 15 -12.79 -12.31 20.80
C TYR B 15 -12.36 -11.55 19.58
N THR B 16 -11.94 -10.30 19.76
CA THR B 16 -11.37 -9.48 18.70
C THR B 16 -9.92 -9.15 19.09
N ALA B 17 -8.96 -9.52 18.23
CA ALA B 17 -7.52 -9.34 18.48
C ALA B 17 -6.88 -8.54 17.41
N GLY B 18 -6.11 -7.56 17.81
CA GLY B 18 -5.39 -6.68 16.90
C GLY B 18 -6.28 -5.73 16.12
N GLY B 19 -5.88 -5.43 14.89
CA GLY B 19 -6.57 -4.49 14.04
C GLY B 19 -5.72 -3.30 13.68
N TYR B 20 -6.32 -2.29 13.01
CA TYR B 20 -5.64 -1.12 12.53
C TYR B 20 -6.50 0.12 12.69
N PHE B 21 -5.85 1.19 13.17
CA PHE B 21 -6.39 2.52 13.28
C PHE B 21 -5.22 3.44 13.40
N ARG B 22 -4.83 4.09 12.29
CA ARG B 22 -3.66 4.96 12.17
C ARG B 22 -2.34 4.15 12.23
N GLN B 23 -2.33 3.00 12.93
CA GLN B 23 -1.21 2.06 13.03
C GLN B 23 -1.80 0.76 13.50
N SER B 24 -1.04 -0.35 13.44
CA SER B 24 -1.49 -1.65 13.92
C SER B 24 -1.73 -1.60 15.46
N LEU B 25 -2.77 -2.32 15.95
CA LEU B 25 -3.17 -2.32 17.35
C LEU B 25 -2.83 -3.59 18.10
N SER B 26 -2.81 -3.52 19.47
CA SER B 26 -2.51 -4.66 20.38
C SER B 26 -3.75 -5.14 21.14
N TYR B 27 -4.91 -4.48 20.98
CA TYR B 27 -6.14 -4.85 21.69
C TYR B 27 -6.58 -6.30 21.54
N LEU B 28 -6.99 -6.88 22.66
CA LEU B 28 -7.66 -8.14 22.76
C LEU B 28 -8.86 -7.81 23.64
N GLU B 29 -10.07 -7.93 23.10
CA GLU B 29 -11.32 -7.62 23.78
C GLU B 29 -12.35 -8.70 23.45
N ALA B 30 -13.22 -9.06 24.40
CA ALA B 30 -14.23 -10.09 24.21
C ALA B 30 -15.63 -9.54 24.42
N TYR B 31 -16.54 -9.84 23.49
CA TYR B 31 -17.91 -9.36 23.57
C TYR B 31 -18.81 -10.51 23.99
N ASN B 32 -19.69 -10.24 24.96
CA ASN B 32 -20.67 -11.19 25.43
C ASN B 32 -22.00 -10.84 24.77
N PRO B 33 -22.48 -11.61 23.77
CA PRO B 33 -23.75 -11.22 23.10
C PRO B 33 -24.97 -11.28 24.02
N SER B 34 -24.89 -12.02 25.15
CA SER B 34 -25.99 -12.16 26.11
C SER B 34 -26.18 -10.95 27.00
N ASP B 35 -25.10 -10.34 27.55
CA ASP B 35 -25.28 -9.17 28.41
C ASP B 35 -24.77 -7.86 27.77
N GLY B 36 -24.36 -7.94 26.51
CA GLY B 36 -23.88 -6.81 25.73
C GLY B 36 -22.61 -6.12 26.21
N THR B 37 -21.83 -6.79 27.09
CA THR B 37 -20.59 -6.22 27.67
C THR B 37 -19.35 -6.60 26.91
N TRP B 38 -18.32 -5.72 27.00
CA TRP B 38 -16.99 -5.91 26.41
C TRP B 38 -15.98 -6.08 27.55
N LEU B 39 -15.04 -7.00 27.40
CA LEU B 39 -13.99 -7.27 28.39
C LEU B 39 -12.65 -6.79 27.81
N ARG B 40 -11.84 -6.02 28.59
CA ARG B 40 -10.52 -5.64 28.09
C ARG B 40 -9.55 -6.69 28.63
N LEU B 41 -9.02 -7.51 27.70
CA LEU B 41 -8.12 -8.59 28.06
C LEU B 41 -6.67 -8.21 27.80
N ALA B 42 -5.73 -9.11 28.13
CA ALA B 42 -4.29 -8.86 27.95
C ALA B 42 -3.94 -8.59 26.51
N ASP B 43 -3.32 -7.44 26.26
CA ASP B 43 -2.85 -6.95 24.95
C ASP B 43 -1.94 -7.97 24.29
N LEU B 44 -1.96 -8.01 22.96
CA LEU B 44 -1.05 -8.83 22.17
C LEU B 44 0.39 -8.36 22.49
N GLN B 45 1.37 -9.27 22.49
CA GLN B 45 2.76 -8.85 22.76
C GLN B 45 3.33 -7.88 21.69
N VAL B 46 2.97 -8.10 20.39
CA VAL B 46 3.35 -7.27 19.24
C VAL B 46 2.05 -6.81 18.53
N PRO B 47 1.88 -5.47 18.22
CA PRO B 47 0.66 -5.00 17.53
C PRO B 47 0.53 -5.65 16.17
N ARG B 48 -0.69 -5.97 15.74
CA ARG B 48 -0.88 -6.64 14.45
C ARG B 48 -2.20 -6.34 13.82
N SER B 49 -2.19 -6.20 12.50
CA SER B 49 -3.37 -5.99 11.67
C SER B 49 -3.24 -6.98 10.51
N GLY B 50 -4.35 -7.39 9.93
CA GLY B 50 -4.29 -8.32 8.81
C GLY B 50 -4.01 -9.75 9.19
N LEU B 51 -4.19 -10.03 10.48
CA LEU B 51 -4.02 -11.33 11.13
C LEU B 51 -5.37 -12.04 11.07
N ALA B 52 -5.41 -13.29 11.50
CA ALA B 52 -6.63 -14.06 11.61
C ALA B 52 -6.60 -14.74 13.00
N GLY B 53 -7.78 -14.94 13.57
CA GLY B 53 -7.92 -15.61 14.85
C GLY B 53 -8.65 -16.93 14.67
N CYS B 54 -8.43 -17.85 15.57
CA CYS B 54 -9.10 -19.15 15.60
C CYS B 54 -8.98 -19.76 16.96
N VAL B 55 -9.79 -20.77 17.23
CA VAL B 55 -9.80 -21.44 18.53
C VAL B 55 -9.58 -22.93 18.39
N VAL B 56 -8.59 -23.44 19.13
CA VAL B 56 -8.32 -24.88 19.20
C VAL B 56 -8.26 -25.28 20.66
N GLY B 57 -9.23 -26.08 21.06
CA GLY B 57 -9.32 -26.62 22.40
C GLY B 57 -9.31 -25.59 23.49
N GLY B 58 -10.22 -24.63 23.38
CA GLY B 58 -10.38 -23.56 24.35
C GLY B 58 -9.34 -22.46 24.35
N LEU B 59 -8.29 -22.57 23.51
CA LEU B 59 -7.26 -21.52 23.40
C LEU B 59 -7.44 -20.74 22.12
N LEU B 60 -7.26 -19.42 22.20
CA LEU B 60 -7.38 -18.50 21.07
C LEU B 60 -6.01 -18.32 20.46
N TYR B 61 -5.92 -18.35 19.12
CA TYR B 61 -4.63 -18.16 18.42
C TYR B 61 -4.70 -16.95 17.52
N ALA B 62 -3.63 -16.15 17.47
CA ALA B 62 -3.52 -15.01 16.56
C ALA B 62 -2.45 -15.40 15.55
N VAL B 63 -2.82 -15.46 14.27
CA VAL B 63 -1.94 -15.94 13.21
C VAL B 63 -1.61 -14.85 12.21
N GLY B 64 -0.33 -14.70 11.87
CA GLY B 64 0.18 -13.78 10.87
C GLY B 64 -0.17 -12.33 11.12
N GLY B 65 -0.29 -11.56 10.04
CA GLY B 65 -0.61 -10.15 10.14
C GLY B 65 0.57 -9.32 9.77
N ARG B 66 0.56 -8.03 10.17
CA ARG B 66 1.59 -7.03 9.88
C ARG B 66 1.63 -6.07 11.02
N ASN B 67 2.82 -5.55 11.34
CA ASN B 67 2.93 -4.50 12.34
C ASN B 67 3.29 -3.24 11.57
N ASN B 68 2.25 -2.44 11.29
CA ASN B 68 2.30 -1.18 10.58
C ASN B 68 2.40 -0.06 11.64
N SER B 69 3.54 0.61 11.72
CA SER B 69 3.78 1.68 12.67
C SER B 69 4.10 2.92 11.86
N PRO B 70 4.09 4.16 12.46
CA PRO B 70 4.44 5.35 11.64
C PRO B 70 5.90 5.39 11.16
N ASP B 71 6.75 4.47 11.67
CA ASP B 71 8.20 4.45 11.39
C ASP B 71 8.72 3.14 10.72
N GLY B 72 7.82 2.19 10.45
CA GLY B 72 8.16 0.92 9.82
C GLY B 72 6.98 0.02 9.47
N ASN B 73 7.23 -1.07 8.74
CA ASN B 73 6.19 -2.02 8.34
C ASN B 73 6.78 -3.43 8.30
N THR B 74 6.36 -4.29 9.19
CA THR B 74 6.90 -5.64 9.23
C THR B 74 5.80 -6.70 9.19
N ASP B 75 5.71 -7.45 8.05
CA ASP B 75 4.76 -8.57 7.86
C ASP B 75 5.17 -9.64 8.88
N SER B 76 4.22 -10.37 9.52
CA SER B 76 4.48 -11.34 10.60
C SER B 76 4.26 -12.81 10.25
N SER B 77 5.10 -13.69 10.79
CA SER B 77 5.05 -15.14 10.63
C SER B 77 4.68 -15.77 12.00
N ALA B 78 4.32 -14.92 12.98
CA ALA B 78 4.03 -15.34 14.34
C ALA B 78 2.74 -16.09 14.53
N LEU B 79 2.75 -17.00 15.51
CA LEU B 79 1.60 -17.72 16.02
C LEU B 79 1.68 -17.51 17.50
N ASP B 80 0.67 -16.90 18.04
CA ASP B 80 0.60 -16.59 19.45
C ASP B 80 -0.65 -17.16 20.03
N CYS B 81 -0.57 -17.60 21.25
CA CYS B 81 -1.66 -18.30 21.88
C CYS B 81 -2.13 -17.67 23.19
N TYR B 82 -3.43 -17.34 23.29
CA TYR B 82 -4.06 -16.73 24.46
C TYR B 82 -4.94 -17.74 25.19
N ASN B 83 -4.73 -17.89 26.50
CA ASN B 83 -5.49 -18.78 27.35
C ASN B 83 -6.46 -17.96 28.19
N PRO B 84 -7.81 -18.05 27.95
CA PRO B 84 -8.75 -17.22 28.72
C PRO B 84 -8.70 -17.45 30.22
N MET B 85 -8.29 -18.67 30.64
CA MET B 85 -8.19 -19.04 32.06
C MET B 85 -7.06 -18.32 32.79
N THR B 86 -5.96 -17.98 32.07
CA THR B 86 -4.79 -17.35 32.65
C THR B 86 -4.64 -15.89 32.28
N ASN B 87 -5.29 -15.46 31.21
CA ASN B 87 -5.23 -14.10 30.64
C ASN B 87 -3.81 -13.79 30.20
N GLN B 88 -3.15 -14.79 29.57
CA GLN B 88 -1.77 -14.69 29.13
C GLN B 88 -1.52 -15.24 27.72
N TRP B 89 -0.81 -14.43 26.92
CA TRP B 89 -0.36 -14.75 25.56
C TRP B 89 0.98 -15.47 25.66
N SER B 90 1.11 -16.59 24.95
CA SER B 90 2.33 -17.38 24.92
C SER B 90 2.73 -17.51 23.43
N PRO B 91 4.00 -17.24 23.07
CA PRO B 91 4.41 -17.44 21.67
C PRO B 91 4.44 -18.93 21.32
N CYS B 92 4.13 -19.24 20.07
CA CYS B 92 4.18 -20.60 19.52
C CYS B 92 5.17 -20.59 18.36
N ALA B 93 5.39 -21.75 17.76
CA ALA B 93 6.28 -21.90 16.62
C ALA B 93 5.81 -20.98 15.48
N PRO B 94 6.72 -20.20 14.84
CA PRO B 94 6.30 -19.36 13.71
C PRO B 94 6.09 -20.16 12.41
N MET B 95 5.39 -19.54 11.46
CA MET B 95 5.12 -20.11 10.15
C MET B 95 6.37 -20.06 9.33
N SER B 96 6.37 -20.77 8.21
CA SER B 96 7.53 -20.83 7.32
C SER B 96 7.85 -19.46 6.71
N VAL B 97 6.80 -18.61 6.53
CA VAL B 97 6.91 -17.31 5.88
C VAL B 97 5.95 -16.31 6.54
N PRO B 98 6.26 -14.98 6.49
CA PRO B 98 5.29 -14.00 7.01
C PRO B 98 4.05 -13.96 6.13
N ARG B 99 2.86 -13.84 6.74
CA ARG B 99 1.61 -13.80 5.99
C ARG B 99 0.72 -12.70 6.45
N ASN B 100 0.72 -11.58 5.72
CA ASN B 100 -0.18 -10.45 6.02
C ASN B 100 -1.46 -10.66 5.18
N ARG B 101 -2.63 -10.24 5.71
CA ARG B 101 -3.91 -10.43 5.01
C ARG B 101 -4.13 -11.94 4.78
N ILE B 102 -3.90 -12.71 5.87
CA ILE B 102 -4.01 -14.17 5.97
C ILE B 102 -5.48 -14.67 6.14
N GLY B 103 -5.70 -15.92 5.78
CA GLY B 103 -6.94 -16.70 5.95
C GLY B 103 -6.62 -17.93 6.79
N VAL B 104 -7.50 -18.32 7.70
CA VAL B 104 -7.23 -19.42 8.63
C VAL B 104 -8.44 -20.34 8.75
N GLY B 105 -8.19 -21.63 8.86
CA GLY B 105 -9.24 -22.62 9.06
C GLY B 105 -8.75 -23.72 9.97
N VAL B 106 -9.64 -24.28 10.78
CA VAL B 106 -9.29 -25.35 11.70
C VAL B 106 -10.01 -26.63 11.33
N ILE B 107 -9.25 -27.75 11.14
CA ILE B 107 -9.85 -29.09 10.86
C ILE B 107 -9.15 -30.08 11.82
N ASP B 108 -9.94 -30.80 12.66
CA ASP B 108 -9.45 -31.76 13.66
C ASP B 108 -8.38 -31.14 14.56
N GLY B 109 -8.64 -29.93 15.05
CA GLY B 109 -7.73 -29.23 15.95
C GLY B 109 -6.38 -28.88 15.37
N HIS B 110 -6.29 -28.76 14.02
CA HIS B 110 -5.10 -28.35 13.26
C HIS B 110 -5.39 -27.03 12.57
N ILE B 111 -4.47 -26.05 12.67
CA ILE B 111 -4.61 -24.71 12.08
C ILE B 111 -4.02 -24.65 10.69
N TYR B 112 -4.82 -24.24 9.71
CA TYR B 112 -4.35 -24.07 8.33
C TYR B 112 -4.19 -22.58 8.10
N ALA B 113 -2.95 -22.14 7.80
CA ALA B 113 -2.56 -20.76 7.45
C ALA B 113 -2.55 -20.70 5.92
N VAL B 114 -3.49 -19.92 5.32
CA VAL B 114 -3.75 -19.83 3.89
C VAL B 114 -3.28 -18.51 3.29
N GLY B 115 -2.42 -18.59 2.28
CA GLY B 115 -1.92 -17.46 1.51
C GLY B 115 -1.35 -16.30 2.30
N GLY B 116 -1.77 -15.09 1.96
CA GLY B 116 -1.27 -13.85 2.54
C GLY B 116 -0.07 -13.29 1.81
N SER B 117 0.44 -12.13 2.23
CA SER B 117 1.58 -11.50 1.58
C SER B 117 2.79 -11.36 2.50
N HIS B 118 3.99 -11.32 1.89
CA HIS B 118 5.27 -11.01 2.53
C HIS B 118 5.88 -9.95 1.62
N GLY B 119 5.64 -8.71 2.00
CA GLY B 119 5.99 -7.52 1.26
C GLY B 119 5.34 -7.61 -0.10
N CYS B 120 6.17 -7.96 -0.96
CA CYS B 120 6.16 -8.10 -2.38
C CYS B 120 5.36 -9.31 -2.96
N ILE B 121 5.63 -10.48 -2.33
CA ILE B 121 5.23 -11.85 -2.61
C ILE B 121 3.79 -12.09 -2.12
N HIS B 122 2.93 -12.58 -3.04
CA HIS B 122 1.54 -12.96 -2.78
C HIS B 122 1.56 -14.47 -2.77
N HIS B 123 1.48 -15.07 -1.57
CA HIS B 123 1.54 -16.52 -1.38
C HIS B 123 0.37 -17.28 -1.96
N ASN B 124 0.67 -18.47 -2.47
CA ASN B 124 -0.34 -19.44 -2.85
C ASN B 124 -0.10 -20.64 -1.91
N SER B 125 1.01 -20.60 -1.13
CA SER B 125 1.40 -21.65 -0.18
C SER B 125 0.43 -21.71 0.99
N VAL B 126 0.28 -22.92 1.52
CA VAL B 126 -0.59 -23.21 2.63
C VAL B 126 0.23 -24.08 3.60
N GLU B 127 0.05 -23.87 4.90
CA GLU B 127 0.74 -24.68 5.91
C GLU B 127 -0.18 -25.00 7.08
N ARG B 128 0.08 -26.13 7.76
CA ARG B 128 -0.72 -26.65 8.85
C ARG B 128 0.02 -26.75 10.20
N TYR B 129 -0.57 -26.18 11.25
CA TYR B 129 -0.03 -26.24 12.62
C TYR B 129 -0.69 -27.36 13.41
N GLU B 130 0.14 -28.18 14.11
CA GLU B 130 -0.25 -29.27 15.01
C GLU B 130 0.04 -28.77 16.45
N PRO B 131 -0.99 -28.26 17.18
CA PRO B 131 -0.77 -27.77 18.56
C PRO B 131 -0.09 -28.75 19.51
N GLU B 132 -0.34 -30.03 19.31
CA GLU B 132 0.21 -31.10 20.15
C GLU B 132 1.71 -31.31 19.95
N ARG B 133 2.30 -30.83 18.83
CA ARG B 133 3.71 -30.99 18.51
C ARG B 133 4.43 -29.64 18.41
N ASP B 134 3.66 -28.51 18.39
CA ASP B 134 4.12 -27.13 18.18
C ASP B 134 4.99 -27.08 16.90
N GLU B 135 4.39 -27.50 15.79
CA GLU B 135 5.05 -27.63 14.50
C GLU B 135 4.16 -27.23 13.38
N TRP B 136 4.75 -26.57 12.39
CA TRP B 136 4.11 -26.19 11.15
C TRP B 136 4.69 -27.07 10.05
N HIS B 137 3.86 -27.47 9.09
CA HIS B 137 4.31 -28.23 7.94
C HIS B 137 3.54 -27.73 6.73
N LEU B 138 4.23 -27.53 5.58
CA LEU B 138 3.57 -27.09 4.36
C LEU B 138 2.75 -28.22 3.81
N VAL B 139 1.60 -27.89 3.23
CA VAL B 139 0.68 -28.83 2.57
C VAL B 139 0.62 -28.40 1.09
N ALA B 140 -0.24 -29.02 0.26
CA ALA B 140 -0.30 -28.63 -1.17
C ALA B 140 -0.68 -27.16 -1.32
N PRO B 141 0.05 -26.37 -2.19
CA PRO B 141 -0.32 -24.97 -2.39
C PRO B 141 -1.63 -24.82 -3.17
N MET B 142 -2.24 -23.67 -3.03
CA MET B 142 -3.46 -23.33 -3.76
C MET B 142 -3.15 -23.19 -5.25
N LEU B 143 -4.21 -23.23 -6.07
CA LEU B 143 -4.11 -23.05 -7.51
C LEU B 143 -3.85 -21.60 -7.86
N THR B 144 -4.26 -20.67 -6.99
CA THR B 144 -4.14 -19.23 -7.14
C THR B 144 -3.43 -18.61 -5.93
N ARG B 145 -2.62 -17.56 -6.16
CA ARG B 145 -1.98 -16.76 -5.11
C ARG B 145 -3.15 -15.93 -4.52
N ARG B 146 -3.33 -15.92 -3.19
CA ARG B 146 -4.45 -15.17 -2.59
C ARG B 146 -4.05 -14.48 -1.30
N ILE B 147 -4.22 -13.17 -1.29
CA ILE B 147 -4.00 -12.35 -0.10
C ILE B 147 -5.33 -11.65 0.16
N GLY B 148 -5.70 -11.40 1.41
CA GLY B 148 -7.03 -10.88 1.72
C GLY B 148 -8.11 -11.93 1.43
N VAL B 149 -7.75 -13.18 1.69
CA VAL B 149 -8.52 -14.37 1.42
C VAL B 149 -9.39 -14.75 2.61
N GLY B 150 -10.60 -15.17 2.29
CA GLY B 150 -11.53 -15.67 3.28
C GLY B 150 -11.43 -17.17 3.28
N VAL B 151 -11.43 -17.78 4.45
CA VAL B 151 -11.30 -19.22 4.55
C VAL B 151 -12.47 -19.74 5.37
N ALA B 152 -13.03 -20.85 4.95
CA ALA B 152 -14.13 -21.45 5.68
C ALA B 152 -13.97 -22.97 5.65
N VAL B 153 -14.28 -23.64 6.78
CA VAL B 153 -14.24 -25.10 6.89
C VAL B 153 -15.67 -25.59 6.83
N LEU B 154 -15.97 -26.39 5.82
CA LEU B 154 -17.29 -26.96 5.60
C LEU B 154 -17.10 -28.37 5.08
N ASN B 155 -17.81 -29.35 5.68
CA ASN B 155 -17.74 -30.76 5.31
C ASN B 155 -16.33 -31.31 5.34
N ARG B 156 -15.54 -30.89 6.34
CA ARG B 156 -14.14 -31.28 6.55
C ARG B 156 -13.24 -30.88 5.33
N LEU B 157 -13.68 -29.88 4.57
CA LEU B 157 -12.96 -29.31 3.43
C LEU B 157 -12.62 -27.89 3.77
N LEU B 158 -11.50 -27.39 3.24
CA LEU B 158 -11.01 -26.04 3.51
C LEU B 158 -11.22 -25.18 2.27
N TYR B 159 -12.16 -24.21 2.33
CA TYR B 159 -12.47 -23.36 1.19
C TYR B 159 -11.70 -22.03 1.23
N ALA B 160 -10.96 -21.67 0.16
CA ALA B 160 -10.22 -20.39 0.01
C ALA B 160 -11.07 -19.58 -0.95
N VAL B 161 -11.60 -18.44 -0.47
CA VAL B 161 -12.58 -17.61 -1.18
C VAL B 161 -12.10 -16.20 -1.44
N GLY B 162 -12.03 -15.86 -2.73
CA GLY B 162 -11.63 -14.55 -3.20
C GLY B 162 -10.21 -14.22 -2.85
N GLY B 163 -9.96 -12.93 -2.66
CA GLY B 163 -8.64 -12.38 -2.38
C GLY B 163 -8.06 -11.53 -3.51
N PHE B 164 -6.73 -11.39 -3.51
CA PHE B 164 -5.96 -10.61 -4.46
C PHE B 164 -4.67 -11.37 -4.82
N ASP B 165 -4.52 -11.72 -6.11
CA ASP B 165 -3.42 -12.52 -6.63
C ASP B 165 -2.15 -11.74 -6.97
N GLY B 166 -2.13 -10.44 -6.67
CA GLY B 166 -1.01 -9.57 -7.00
C GLY B 166 -1.24 -8.71 -8.22
N THR B 167 -2.21 -9.08 -9.06
CA THR B 167 -2.53 -8.31 -10.27
C THR B 167 -4.02 -7.88 -10.25
N ASN B 168 -4.92 -8.80 -9.85
CA ASN B 168 -6.38 -8.63 -9.81
C ASN B 168 -7.01 -9.13 -8.54
N ARG B 169 -8.05 -8.40 -8.08
CA ARG B 169 -8.88 -8.78 -6.93
C ARG B 169 -9.74 -9.93 -7.52
N LEU B 170 -9.97 -11.01 -6.76
CA LEU B 170 -10.64 -12.24 -7.23
C LEU B 170 -12.08 -12.44 -6.82
N ASN B 171 -12.84 -13.15 -7.67
CA ASN B 171 -14.20 -13.58 -7.39
C ASN B 171 -14.18 -15.15 -7.30
N SER B 172 -13.06 -15.74 -7.76
CA SER B 172 -12.81 -17.17 -7.74
C SER B 172 -12.71 -17.74 -6.34
N ALA B 173 -12.98 -19.03 -6.20
CA ALA B 173 -12.88 -19.74 -4.93
C ALA B 173 -12.44 -21.15 -5.21
N GLU B 174 -11.66 -21.72 -4.31
CA GLU B 174 -11.13 -23.08 -4.46
C GLU B 174 -11.26 -23.85 -3.15
N CYS B 175 -11.06 -25.13 -3.24
CA CYS B 175 -11.36 -26.08 -2.21
C CYS B 175 -10.22 -27.07 -1.95
N TYR B 176 -9.89 -27.31 -0.66
CA TYR B 176 -8.83 -28.25 -0.24
C TYR B 176 -9.39 -29.48 0.42
N TYR B 177 -8.87 -30.64 0.00
CA TYR B 177 -9.24 -31.99 0.43
C TYR B 177 -8.08 -32.53 1.29
N PRO B 178 -8.18 -32.39 2.63
CA PRO B 178 -7.06 -32.82 3.51
C PRO B 178 -6.57 -34.26 3.34
N GLU B 179 -7.46 -35.21 3.12
CA GLU B 179 -7.12 -36.63 2.93
C GLU B 179 -6.34 -36.87 1.66
N ARG B 180 -6.70 -36.13 0.61
CA ARG B 180 -6.12 -36.27 -0.71
C ARG B 180 -4.94 -35.31 -0.98
N ASN B 181 -4.77 -34.28 -0.13
CA ASN B 181 -3.79 -33.20 -0.23
C ASN B 181 -3.89 -32.53 -1.57
N GLU B 182 -5.08 -32.02 -1.91
CA GLU B 182 -5.25 -31.36 -3.21
C GLU B 182 -6.33 -30.31 -3.22
N TRP B 183 -6.15 -29.33 -4.14
CA TRP B 183 -7.04 -28.20 -4.35
C TRP B 183 -7.77 -28.36 -5.66
N ARG B 184 -9.05 -27.99 -5.66
CA ARG B 184 -9.93 -27.99 -6.83
C ARG B 184 -10.68 -26.65 -6.86
N MET B 185 -10.81 -26.03 -8.05
CA MET B 185 -11.57 -24.78 -8.17
C MET B 185 -13.06 -25.11 -7.97
N ILE B 186 -13.79 -24.29 -7.23
CA ILE B 186 -15.24 -24.42 -7.06
C ILE B 186 -15.92 -23.27 -7.86
N THR B 187 -17.27 -23.17 -7.83
CA THR B 187 -18.00 -22.08 -8.51
C THR B 187 -17.51 -20.71 -7.98
N ALA B 188 -17.21 -19.78 -8.90
CA ALA B 188 -16.77 -18.43 -8.54
C ALA B 188 -17.98 -17.62 -8.03
N MET B 189 -17.71 -16.64 -7.14
CA MET B 189 -18.69 -15.74 -6.57
C MET B 189 -19.26 -14.84 -7.64
N ASN B 190 -20.41 -14.24 -7.37
CA ASN B 190 -21.02 -13.29 -8.29
C ASN B 190 -20.21 -11.98 -8.27
N THR B 191 -19.61 -11.65 -7.12
CA THR B 191 -18.84 -10.42 -6.90
C THR B 191 -17.35 -10.67 -6.62
N ILE B 192 -16.49 -9.74 -7.09
CA ILE B 192 -15.05 -9.73 -6.83
C ILE B 192 -14.88 -9.19 -5.43
N ARG B 193 -14.22 -9.99 -4.55
CA ARG B 193 -14.01 -9.58 -3.16
C ARG B 193 -12.64 -9.94 -2.62
N SER B 194 -11.93 -8.92 -2.14
CA SER B 194 -10.70 -9.09 -1.36
C SER B 194 -11.07 -8.43 -0.02
N GLY B 195 -10.73 -9.05 1.07
CA GLY B 195 -11.02 -8.44 2.36
C GLY B 195 -12.44 -8.55 2.83
N ALA B 196 -13.13 -9.63 2.41
CA ALA B 196 -14.50 -9.95 2.78
C ALA B 196 -14.44 -10.82 4.02
N GLY B 197 -15.54 -10.90 4.73
CA GLY B 197 -15.69 -11.74 5.89
C GLY B 197 -16.30 -13.05 5.40
N VAL B 198 -15.57 -14.17 5.55
CA VAL B 198 -16.06 -15.48 5.10
C VAL B 198 -16.27 -16.37 6.31
N CYS B 199 -17.42 -17.05 6.35
CA CYS B 199 -17.78 -17.94 7.46
C CYS B 199 -18.75 -19.01 7.03
N VAL B 200 -19.00 -20.03 7.87
CA VAL B 200 -19.98 -21.09 7.61
C VAL B 200 -21.15 -20.95 8.58
N LEU B 201 -22.38 -20.95 8.06
CA LEU B 201 -23.57 -20.95 8.90
C LEU B 201 -24.61 -21.85 8.24
N HIS B 202 -25.11 -22.84 8.99
CA HIS B 202 -26.13 -23.80 8.50
C HIS B 202 -25.75 -24.40 7.12
N ASN B 203 -24.55 -25.04 7.04
CA ASN B 203 -24.04 -25.77 5.85
C ASN B 203 -23.90 -24.88 4.57
N CYS B 204 -23.65 -23.58 4.76
CA CYS B 204 -23.51 -22.57 3.71
C CYS B 204 -22.30 -21.72 3.99
N ILE B 205 -21.55 -21.33 2.94
CA ILE B 205 -20.42 -20.43 3.07
C ILE B 205 -20.94 -19.03 2.78
N TYR B 206 -20.75 -18.09 3.70
CA TYR B 206 -21.18 -16.71 3.51
C TYR B 206 -19.98 -15.86 3.26
N ALA B 207 -20.01 -15.01 2.22
CA ALA B 207 -18.96 -14.02 1.91
C ALA B 207 -19.65 -12.64 2.01
N ALA B 208 -19.27 -11.87 3.03
CA ALA B 208 -19.85 -10.56 3.33
C ALA B 208 -18.82 -9.47 3.16
N GLY B 209 -19.21 -8.38 2.50
CA GLY B 209 -18.35 -7.22 2.30
C GLY B 209 -17.17 -7.50 1.42
N GLY B 210 -16.12 -6.69 1.60
CA GLY B 210 -14.92 -6.79 0.79
C GLY B 210 -14.60 -5.54 -0.01
N TYR B 211 -13.63 -5.65 -0.89
CA TYR B 211 -13.07 -4.57 -1.68
C TYR B 211 -12.76 -5.11 -3.05
N ASP B 212 -13.06 -4.33 -4.10
CA ASP B 212 -12.78 -4.76 -5.49
C ASP B 212 -11.70 -3.88 -6.16
N GLY B 213 -10.70 -3.45 -5.39
CA GLY B 213 -9.58 -2.62 -5.82
C GLY B 213 -9.92 -1.17 -6.14
N GLN B 214 -11.17 -0.79 -5.86
CA GLN B 214 -11.77 0.51 -6.12
C GLN B 214 -12.72 0.94 -4.98
N ASP B 215 -13.81 0.13 -4.73
CA ASP B 215 -14.86 0.38 -3.72
C ASP B 215 -15.00 -0.72 -2.66
N GLN B 216 -15.65 -0.39 -1.53
CA GLN B 216 -15.94 -1.29 -0.41
C GLN B 216 -17.39 -1.75 -0.58
N LEU B 217 -17.65 -3.03 -0.32
CA LEU B 217 -18.97 -3.62 -0.55
C LEU B 217 -19.81 -3.80 0.69
N ASN B 218 -21.13 -3.84 0.50
CA ASN B 218 -22.05 -4.12 1.58
C ASN B 218 -22.87 -5.37 1.24
N SER B 219 -22.75 -5.87 -0.01
CA SER B 219 -23.43 -7.09 -0.45
C SER B 219 -22.86 -8.33 0.23
N VAL B 220 -23.74 -9.31 0.47
CA VAL B 220 -23.44 -10.58 1.12
C VAL B 220 -24.03 -11.64 0.20
N GLU B 221 -23.25 -12.68 -0.08
CA GLU B 221 -23.70 -13.81 -0.88
C GLU B 221 -23.37 -15.14 -0.19
N ARG B 222 -24.17 -16.21 -0.44
CA ARG B 222 -23.89 -17.50 0.17
C ARG B 222 -23.80 -18.66 -0.83
N TYR B 223 -22.85 -19.57 -0.57
CA TYR B 223 -22.59 -20.76 -1.38
C TYR B 223 -23.36 -21.96 -0.83
N ASP B 224 -24.23 -22.53 -1.66
CA ASP B 224 -24.97 -23.73 -1.29
C ASP B 224 -24.30 -24.88 -2.02
N VAL B 225 -23.58 -25.69 -1.27
CA VAL B 225 -22.81 -26.87 -1.68
C VAL B 225 -23.65 -27.83 -2.54
N ALA B 226 -24.92 -28.10 -2.14
CA ALA B 226 -25.84 -29.01 -2.85
C ALA B 226 -26.01 -28.65 -4.32
N THR B 227 -26.33 -27.37 -4.60
CA THR B 227 -26.57 -26.79 -5.92
C THR B 227 -25.33 -26.10 -6.54
N ALA B 228 -24.20 -26.05 -5.80
CA ALA B 228 -22.95 -25.39 -6.21
C ALA B 228 -23.16 -23.96 -6.80
N THR B 229 -24.02 -23.16 -6.15
CA THR B 229 -24.33 -21.80 -6.60
C THR B 229 -24.22 -20.78 -5.47
N TRP B 230 -23.77 -19.57 -5.82
CA TRP B 230 -23.67 -18.43 -4.92
C TRP B 230 -24.94 -17.59 -5.15
N THR B 231 -25.61 -17.20 -4.06
CA THR B 231 -26.85 -16.41 -4.09
C THR B 231 -26.74 -15.23 -3.13
N PHE B 232 -27.16 -14.04 -3.58
CA PHE B 232 -27.14 -12.85 -2.74
C PHE B 232 -28.22 -12.93 -1.69
N VAL B 233 -27.88 -12.50 -0.47
CA VAL B 233 -28.79 -12.37 0.67
C VAL B 233 -28.80 -10.87 1.03
N ALA B 234 -29.57 -10.48 2.06
CA ALA B 234 -29.65 -9.10 2.50
C ALA B 234 -28.27 -8.46 2.69
N PRO B 235 -28.03 -7.23 2.13
CA PRO B 235 -26.72 -6.57 2.34
C PRO B 235 -26.61 -5.98 3.74
N MET B 236 -25.41 -5.66 4.18
CA MET B 236 -25.25 -5.06 5.51
C MET B 236 -25.66 -3.60 5.45
N LYS B 237 -25.84 -2.96 6.61
CA LYS B 237 -26.17 -1.52 6.64
C LYS B 237 -24.92 -0.69 6.25
N HIS B 238 -23.69 -1.20 6.56
CA HIS B 238 -22.45 -0.50 6.22
C HIS B 238 -21.55 -1.26 5.27
N ARG B 239 -21.02 -0.55 4.26
CA ARG B 239 -20.05 -1.05 3.30
C ARG B 239 -18.79 -1.27 4.16
N ARG B 240 -18.13 -2.44 4.03
CA ARG B 240 -16.95 -2.74 4.82
C ARG B 240 -16.03 -3.76 4.20
N SER B 241 -14.72 -3.47 4.22
CA SER B 241 -13.62 -4.37 3.80
C SER B 241 -12.74 -4.51 5.04
N ALA B 242 -11.88 -5.54 5.10
CA ALA B 242 -11.02 -5.83 6.26
C ALA B 242 -11.87 -5.88 7.53
N LEU B 243 -13.05 -6.51 7.41
CA LEU B 243 -13.99 -6.73 8.49
C LEU B 243 -13.61 -8.08 9.13
N GLY B 244 -13.97 -8.21 10.41
CA GLY B 244 -13.82 -9.44 11.19
C GLY B 244 -15.17 -10.10 11.15
N ILE B 245 -15.20 -11.44 11.16
CA ILE B 245 -16.46 -12.21 11.09
C ILE B 245 -16.40 -13.46 11.97
N THR B 246 -17.54 -13.83 12.53
CA THR B 246 -17.73 -15.04 13.31
C THR B 246 -19.22 -15.42 13.37
N VAL B 247 -19.48 -16.67 13.74
CA VAL B 247 -20.82 -17.20 13.93
C VAL B 247 -20.94 -17.52 15.41
N HIS B 248 -22.05 -17.12 16.00
CA HIS B 248 -22.34 -17.33 17.39
C HIS B 248 -23.83 -17.56 17.53
N GLN B 249 -24.20 -18.73 18.08
CA GLN B 249 -25.58 -19.12 18.32
C GLN B 249 -26.49 -18.82 17.14
N GLY B 250 -26.17 -19.48 16.03
CA GLY B 250 -26.89 -19.43 14.76
C GLY B 250 -26.98 -18.12 14.02
N ARG B 251 -26.17 -17.11 14.42
CA ARG B 251 -26.15 -15.79 13.78
C ARG B 251 -24.74 -15.39 13.37
N ILE B 252 -24.58 -14.63 12.27
CA ILE B 252 -23.28 -14.10 11.81
C ILE B 252 -23.09 -12.71 12.47
N TYR B 253 -21.90 -12.46 13.00
CA TYR B 253 -21.52 -11.16 13.58
C TYR B 253 -20.34 -10.63 12.71
N VAL B 254 -20.46 -9.38 12.19
CA VAL B 254 -19.40 -8.70 11.42
C VAL B 254 -18.90 -7.56 12.27
N LEU B 255 -17.58 -7.47 12.46
CA LEU B 255 -16.96 -6.49 13.37
C LEU B 255 -16.03 -5.55 12.66
N GLY B 256 -16.39 -4.27 12.73
CA GLY B 256 -15.58 -3.19 12.20
C GLY B 256 -15.31 -3.29 10.73
N GLY B 257 -14.17 -2.74 10.34
CA GLY B 257 -13.78 -2.71 8.95
C GLY B 257 -13.50 -1.29 8.48
N TYR B 258 -13.32 -1.13 7.17
CA TYR B 258 -13.04 0.16 6.53
C TYR B 258 -14.09 0.40 5.45
N ASP B 259 -14.67 1.60 5.39
CA ASP B 259 -15.73 1.92 4.41
C ASP B 259 -15.33 2.92 3.32
N GLY B 260 -14.02 3.21 3.21
CA GLY B 260 -13.48 4.15 2.25
C GLY B 260 -13.04 5.46 2.86
N HIS B 261 -13.61 5.80 4.03
CA HIS B 261 -13.37 7.07 4.74
C HIS B 261 -13.09 6.92 6.22
N THR B 262 -13.73 5.94 6.85
CA THR B 262 -13.77 5.67 8.29
C THR B 262 -13.42 4.22 8.64
N PHE B 263 -12.87 4.03 9.84
CA PHE B 263 -12.58 2.72 10.41
C PHE B 263 -13.72 2.53 11.38
N LEU B 264 -14.63 1.60 11.03
CA LEU B 264 -15.88 1.31 11.71
C LEU B 264 -15.76 0.68 13.06
N ASP B 265 -16.63 1.10 14.00
CA ASP B 265 -16.76 0.50 15.33
C ASP B 265 -18.02 -0.37 15.30
N SER B 266 -18.80 -0.23 14.22
CA SER B 266 -20.03 -0.96 13.94
C SER B 266 -19.88 -2.47 14.03
N VAL B 267 -20.79 -3.11 14.78
CA VAL B 267 -20.88 -4.56 14.91
C VAL B 267 -22.31 -4.89 14.47
N GLU B 268 -22.44 -5.69 13.39
CA GLU B 268 -23.74 -6.08 12.83
C GLU B 268 -23.99 -7.55 12.98
N CYS B 269 -25.28 -7.90 13.11
CA CYS B 269 -25.73 -9.26 13.29
C CYS B 269 -26.70 -9.69 12.15
N TYR B 270 -26.47 -10.88 11.54
CA TYR B 270 -27.35 -11.45 10.51
C TYR B 270 -28.17 -12.62 11.09
N ASP B 271 -29.53 -12.56 10.94
CA ASP B 271 -30.46 -13.62 11.36
C ASP B 271 -30.87 -14.39 10.10
N PRO B 272 -30.39 -15.64 9.95
CA PRO B 272 -30.69 -16.39 8.73
C PRO B 272 -32.17 -16.66 8.50
N ASP B 273 -32.94 -16.86 9.59
CA ASP B 273 -34.38 -17.11 9.61
C ASP B 273 -35.21 -15.95 9.08
N THR B 274 -34.77 -14.71 9.32
CA THR B 274 -35.50 -13.51 8.89
C THR B 274 -34.80 -12.74 7.73
N ASP B 275 -33.55 -13.15 7.34
CA ASP B 275 -32.74 -12.50 6.31
C ASP B 275 -32.65 -10.96 6.54
N THR B 276 -32.26 -10.60 7.77
CA THR B 276 -32.11 -9.21 8.19
C THR B 276 -30.82 -9.06 8.94
N TRP B 277 -30.25 -7.85 8.86
CA TRP B 277 -29.03 -7.42 9.53
C TRP B 277 -29.43 -6.33 10.52
N SER B 278 -28.83 -6.32 11.72
CA SER B 278 -29.12 -5.28 12.71
C SER B 278 -27.87 -4.91 13.48
N GLU B 279 -27.77 -3.64 13.91
CA GLU B 279 -26.61 -3.18 14.68
C GLU B 279 -26.75 -3.71 16.11
N VAL B 280 -25.77 -4.49 16.59
CA VAL B 280 -25.86 -5.10 17.90
C VAL B 280 -25.11 -4.33 18.99
N THR B 281 -23.94 -3.81 18.66
CA THR B 281 -23.09 -3.09 19.59
C THR B 281 -22.06 -2.29 18.80
N ARG B 282 -21.15 -1.64 19.50
CA ARG B 282 -20.09 -0.88 18.87
C ARG B 282 -18.86 -1.29 19.60
N MET B 283 -17.76 -1.56 18.89
CA MET B 283 -16.50 -1.92 19.55
C MET B 283 -16.06 -0.69 20.34
N THR B 284 -15.16 -0.87 21.32
CA THR B 284 -14.73 0.27 22.15
C THR B 284 -14.09 1.41 21.32
N SER B 285 -13.62 1.09 20.08
CA SER B 285 -13.03 2.00 19.10
C SER B 285 -13.03 1.35 17.73
N GLY B 286 -13.16 2.18 16.71
CA GLY B 286 -13.13 1.73 15.32
C GLY B 286 -11.75 1.23 14.93
N ARG B 287 -11.77 0.14 14.13
CA ARG B 287 -10.59 -0.53 13.65
C ARG B 287 -10.93 -1.43 12.48
N SER B 288 -9.92 -1.74 11.63
CA SER B 288 -10.07 -2.69 10.54
C SER B 288 -8.98 -3.80 10.70
N GLY B 289 -9.12 -4.90 9.98
CA GLY B 289 -8.13 -5.95 9.95
C GLY B 289 -7.87 -6.69 11.23
N VAL B 290 -8.95 -6.90 12.02
CA VAL B 290 -8.96 -7.66 13.27
C VAL B 290 -8.98 -9.16 12.97
N GLY B 291 -8.65 -9.96 13.98
CA GLY B 291 -8.75 -11.41 13.98
C GLY B 291 -9.85 -11.79 14.96
N VAL B 292 -10.85 -12.60 14.53
CA VAL B 292 -12.03 -12.90 15.37
C VAL B 292 -12.23 -14.41 15.60
N ALA B 293 -12.65 -14.80 16.82
CA ALA B 293 -12.94 -16.20 17.18
C ALA B 293 -13.88 -16.22 18.34
N VAL B 294 -14.59 -17.34 18.53
CA VAL B 294 -15.54 -17.58 19.61
C VAL B 294 -15.07 -18.77 20.44
N THR B 295 -15.05 -18.61 21.79
CA THR B 295 -14.73 -19.67 22.77
C THR B 295 -15.36 -19.31 24.13
N1 8ZL C . 6.21 1.60 2.66
C7 8ZL C . 3.92 1.85 2.20
C8 8ZL C . 5.26 2.55 2.06
N2 8ZL C . 5.41 4.92 1.54
C9 8ZL C . 5.21 4.01 2.52
O1 8ZL C . 7.64 3.04 3.68
C1 8ZL C . 10.63 1.90 2.26
O5 8ZL C . 6.74 8.01 2.90
C5 8ZL C . 5.75 0.22 2.43
C6 8ZL C . 4.30 0.39 1.90
N3 8ZL C . 7.36 5.86 3.17
C4 8ZL C . 7.43 1.94 3.19
O4 8ZL C . 5.96 7.92 -2.11
C3 8ZL C . 8.51 0.88 3.31
O3 8ZL C . 6.71 7.04 -0.18
C2 8ZL C . 9.46 0.94 2.09
N4 8ZL C . 7.80 5.11 5.98
O6 8ZL C . 9.94 4.90 5.36
C23 8ZL C . 8.82 5.31 5.11
C25 8ZL C . 7.93 3.99 6.90
C24 8ZL C . 6.50 5.77 6.07
C21 8ZL C . 8.62 6.17 3.84
C20 8ZL C . 9.78 5.91 2.89
S 8ZL C . 9.90 7.03 1.46
C19 8ZL C . 9.14 6.07 0.13
C18 8ZL C . 9.32 6.71 -1.23
C17 8ZL C . 10.61 6.69 -1.78
C16 8ZL C . 10.88 7.38 -2.95
C15 8ZL C . 9.88 8.07 -3.61
C14 8ZL C . 8.59 8.08 -3.10
C13 8ZL C . 8.28 7.40 -1.91
C12 8ZL C . 6.87 7.49 -1.44
C11 8ZL C . 5.41 7.09 0.42
C22 8ZL C . 6.57 6.82 2.67
C10 8ZL C . 5.44 6.36 1.75
O2 8ZL C . 5.03 4.30 3.70
O 8ZL C . 11.16 2.42 1.27
N 8ZL C . 11.08 2.12 3.49
C 8ZL C . 12.23 2.96 3.78
NA NA D . 28.40 14.17 -18.43
CL CL E . 5.62 3.71 -1.72
NA NA F . -17.86 -28.00 -3.52
CL CL G . -1.05 -2.74 6.28
#